data_1F92
#
_entry.id   1F92
#
_cell.length_a   52.8
_cell.length_b   54.6
_cell.length_c   82.9
_cell.angle_alpha   90
_cell.angle_beta   90
_cell.angle_gamma   90
#
_symmetry.space_group_name_H-M   'P 21 21 21'
#
loop_
_entity.id
_entity.type
_entity.pdbx_description
1 polymer 'UROKINASE-TYPE PLASMINOGEN ACTIVATOR'
2 non-polymer 'SULFATE ION'
3 non-polymer "[2,4,6-TRIISOPROPYL-PHENYLSULFONYL-L-[3-AMIDINO-PHENYLALANINYL]]-N'-BETA-ALANINYL-PIPERAZINE"
4 water water
#
_entity_poly.entity_id   1
_entity_poly.type   'polypeptide(L)'
_entity_poly.pdbx_seq_one_letter_code
;IIGGEFTTIENQPWFAAIYRRHRGGSVTYVCGGSLISPCWVISATHCFIDYPKKEDYIVYLGRSRLNSNTQGEMKFEVEN
LILHKDYSADTLAHHNDIALLKIRSKEGRCAQPSRTIQTISLPSMYNDPQFGTSCEITGFGKENSTDYLYPEQLKMTVVK
LISHRECQQPHYYGSEVTTKMLCAADPQWKTDSCQGDSGGPLVCSLQGRMTLTGIVSWGRGCALKDKPGVYTRVSHFLPW
IRSHTKEENGLAL
;
_entity_poly.pdbx_strand_id   A
#
loop_
_chem_comp.id
_chem_comp.type
_chem_comp.name
_chem_comp.formula
SO4 non-polymer 'SULFATE ION' 'O4 S -2'
UKP non-polymer [2,4,6-TRIISOPROPYL-PHENYLSULFONYL-L-[3-AMIDINO-PHENYLALANINYL]]-N'-BETA-ALANINYL-PIPERAZINE 'C32 H48 N6 O4 S'
#
# COMPACT_ATOMS: atom_id res chain seq x y z
N ILE A 1 -10.34 4.90 1.73
CA ILE A 1 -10.30 5.83 0.57
C ILE A 1 -11.44 6.85 0.62
N ILE A 2 -11.10 8.13 0.76
CA ILE A 2 -12.11 9.18 0.77
C ILE A 2 -12.54 9.39 -0.68
N GLY A 3 -13.85 9.46 -0.91
CA GLY A 3 -14.35 9.64 -2.26
C GLY A 3 -14.07 8.42 -3.11
N GLY A 4 -13.88 8.64 -4.41
CA GLY A 4 -13.61 7.53 -5.32
C GLY A 4 -14.81 6.64 -5.58
N GLU A 5 -14.55 5.41 -6.00
CA GLU A 5 -15.60 4.44 -6.30
C GLU A 5 -15.31 3.07 -5.72
N PHE A 6 -16.35 2.25 -5.58
CA PHE A 6 -16.20 0.90 -5.08
C PHE A 6 -15.74 0.01 -6.23
N THR A 7 -15.03 -1.06 -5.92
CA THR A 7 -14.49 -1.93 -6.94
C THR A 7 -14.32 -3.38 -6.48
N THR A 8 -13.89 -4.23 -7.41
CA THR A 8 -13.64 -5.63 -7.11
C THR A 8 -12.16 -5.96 -7.30
N ILE A 9 -11.72 -7.09 -6.75
CA ILE A 9 -10.32 -7.49 -6.87
C ILE A 9 -9.95 -7.88 -8.31
N GLU A 10 -10.96 -8.09 -9.15
CA GLU A 10 -10.72 -8.44 -10.55
C GLU A 10 -10.06 -7.24 -11.24
N ASN A 11 -10.29 -6.05 -10.68
CA ASN A 11 -9.74 -4.81 -11.22
C ASN A 11 -8.43 -4.45 -10.51
N GLN A 12 -8.21 -5.03 -9.33
CA GLN A 12 -6.99 -4.81 -8.55
C GLN A 12 -6.43 -6.18 -8.13
N PRO A 13 -6.15 -7.06 -9.11
CA PRO A 13 -5.63 -8.41 -8.86
C PRO A 13 -4.37 -8.57 -8.00
N TRP A 14 -3.60 -7.50 -7.84
CA TRP A 14 -2.37 -7.57 -7.07
C TRP A 14 -2.58 -7.13 -5.63
N PHE A 15 -3.80 -6.70 -5.29
CA PHE A 15 -4.06 -6.24 -3.94
C PHE A 15 -4.08 -7.31 -2.87
N ALA A 16 -3.31 -7.06 -1.81
CA ALA A 16 -3.22 -7.98 -0.69
C ALA A 16 -3.85 -7.30 0.51
N ALA A 17 -4.62 -8.08 1.27
CA ALA A 17 -5.29 -7.58 2.46
C ALA A 17 -4.61 -8.26 3.65
N ILE A 18 -4.01 -7.46 4.53
CA ILE A 18 -3.30 -8.00 5.68
C ILE A 18 -4.02 -7.81 7.00
N TYR A 19 -4.26 -8.92 7.69
CA TYR A 19 -4.94 -8.91 8.98
C TYR A 19 -4.00 -9.37 10.09
N ARG A 20 -4.37 -9.03 11.33
CA ARG A 20 -3.60 -9.42 12.50
C ARG A 20 -4.46 -10.27 13.41
N ARG A 21 -3.94 -11.44 13.81
CA ARG A 21 -4.64 -12.34 14.70
C ARG A 21 -4.60 -11.78 16.10
N HIS A 22 -5.56 -12.19 16.91
CA HIS A 22 -5.61 -11.73 18.28
C HIS A 22 -5.83 -12.86 19.27
N ARG A 23 -5.45 -12.57 20.51
CA ARG A 23 -5.61 -13.46 21.64
C ARG A 23 -7.11 -13.73 21.78
N GLY A 24 -7.52 -14.91 21.33
CA GLY A 24 -8.93 -15.26 21.40
C GLY A 24 -9.44 -15.74 20.07
N GLY A 25 -9.95 -14.82 19.26
CA GLY A 25 -10.47 -15.18 17.95
C GLY A 25 -10.61 -14.03 16.97
N SER A 26 -10.65 -12.80 17.48
CA SER A 26 -10.80 -11.63 16.62
C SER A 26 -9.63 -11.39 15.67
N VAL A 27 -9.97 -11.03 14.43
CA VAL A 27 -8.98 -10.76 13.39
C VAL A 27 -9.26 -9.39 12.77
N THR A 28 -8.62 -8.35 13.30
CA THR A 28 -8.79 -7.00 12.79
C THR A 28 -7.94 -6.77 11.55
N TYR A 29 -8.34 -5.81 10.73
CA TYR A 29 -7.62 -5.47 9.51
C TYR A 29 -6.47 -4.55 9.89
N VAL A 30 -5.33 -4.75 9.26
CA VAL A 30 -4.15 -3.94 9.56
C VAL A 30 -3.83 -2.96 8.44
N CYS A 31 -3.38 -3.50 7.31
CA CYS A 31 -2.98 -2.67 6.19
C CYS A 31 -3.13 -3.39 4.87
N GLY A 32 -2.97 -2.63 3.78
CA GLY A 32 -3.03 -3.20 2.45
C GLY A 32 -1.64 -3.63 2.05
N GLY A 33 -1.52 -4.19 0.84
CA GLY A 33 -0.23 -4.64 0.36
C GLY A 33 -0.33 -4.94 -1.11
N SER A 34 0.81 -5.23 -1.74
CA SER A 34 0.83 -5.53 -3.16
C SER A 34 1.69 -6.75 -3.44
N LEU A 35 1.15 -7.66 -4.25
CA LEU A 35 1.87 -8.88 -4.62
C LEU A 35 2.89 -8.55 -5.71
N ILE A 36 4.17 -8.61 -5.39
CA ILE A 36 5.18 -8.31 -6.40
C ILE A 36 5.82 -9.56 -7.00
N SER A 37 5.55 -10.69 -6.37
CA SER A 37 6.07 -11.99 -6.78
C SER A 37 5.16 -13.03 -6.14
N PRO A 38 5.08 -14.25 -6.70
CA PRO A 38 4.22 -15.30 -6.13
C PRO A 38 4.38 -15.53 -4.63
N CYS A 39 5.59 -15.33 -4.13
CA CYS A 39 5.85 -15.56 -2.71
C CYS A 39 6.15 -14.27 -1.94
N TRP A 40 5.96 -13.12 -2.59
CA TRP A 40 6.25 -11.85 -1.94
C TRP A 40 5.19 -10.77 -2.05
N VAL A 41 4.93 -10.12 -0.92
CA VAL A 41 3.98 -9.03 -0.84
C VAL A 41 4.77 -7.88 -0.22
N ILE A 42 4.61 -6.68 -0.78
CA ILE A 42 5.31 -5.52 -0.24
C ILE A 42 4.29 -4.61 0.41
N SER A 43 4.66 -4.04 1.54
CA SER A 43 3.77 -3.15 2.27
C SER A 43 4.57 -2.06 2.97
N ALA A 44 4.03 -1.55 4.08
CA ALA A 44 4.71 -0.50 4.83
C ALA A 44 5.14 -1.02 6.20
N THR A 45 6.39 -0.72 6.58
CA THR A 45 6.90 -1.15 7.87
C THR A 45 6.06 -0.60 9.05
N HIS A 46 5.63 0.66 8.95
CA HIS A 46 4.86 1.27 10.04
C HIS A 46 3.61 0.47 10.45
N CYS A 47 3.15 -0.39 9.54
CA CYS A 47 1.99 -1.22 9.78
C CYS A 47 2.28 -2.37 10.73
N PHE A 48 3.56 -2.74 10.84
CA PHE A 48 3.96 -3.87 11.66
C PHE A 48 4.96 -3.60 12.77
N ILE A 49 5.67 -2.48 12.67
CA ILE A 49 6.71 -2.11 13.65
C ILE A 49 6.43 -2.42 15.12
N ASP A 50 5.19 -2.20 15.59
CA ASP A 50 4.82 -2.45 16.99
C ASP A 50 4.58 -3.92 17.34
N TYR A 51 4.22 -4.72 16.34
CA TYR A 51 3.97 -6.15 16.50
C TYR A 51 4.77 -6.90 15.42
N PRO A 52 6.08 -7.09 15.65
CA PRO A 52 6.97 -7.79 14.71
C PRO A 52 6.73 -9.29 14.51
N LYS A 53 5.83 -9.86 15.30
CA LYS A 53 5.54 -11.29 15.18
C LYS A 53 4.84 -11.62 13.86
N LYS A 54 5.50 -12.44 13.05
CA LYS A 54 4.94 -12.85 11.76
C LYS A 54 3.77 -13.82 11.91
N GLU A 55 3.66 -14.47 13.07
CA GLU A 55 2.59 -15.42 13.32
C GLU A 55 1.22 -14.77 13.56
N ASP A 56 1.24 -13.51 13.97
CA ASP A 56 0.00 -12.76 14.25
C ASP A 56 -0.65 -12.24 12.97
N TYR A 57 -0.01 -12.44 11.83
CA TYR A 57 -0.54 -11.92 10.57
C TYR A 57 -1.11 -12.95 9.58
N ILE A 58 -2.11 -12.48 8.82
CA ILE A 58 -2.77 -13.29 7.81
C ILE A 58 -2.91 -12.46 6.54
N VAL A 59 -2.46 -13.01 5.41
CA VAL A 59 -2.54 -12.30 4.13
C VAL A 59 -3.55 -12.93 3.17
N TYR A 60 -4.45 -12.10 2.65
CA TYR A 60 -5.47 -12.55 1.71
C TYR A 60 -5.24 -12.02 0.30
N LEU A 61 -5.45 -12.88 -0.68
CA LEU A 61 -5.30 -12.50 -2.09
C LEU A 61 -6.57 -12.87 -2.86
N GLY A 62 -7.01 -11.95 -3.73
CA GLY A 62 -8.22 -12.18 -4.49
C GLY A 62 -9.43 -11.99 -3.61
N ARG A 63 -9.31 -11.06 -2.65
CA ARG A 63 -10.38 -10.76 -1.72
C ARG A 63 -10.90 -9.35 -1.96
N SER A 64 -12.20 -9.25 -2.25
CA SER A 64 -12.85 -7.97 -2.48
C SER A 64 -13.54 -7.42 -1.25
N ARG A 65 -13.77 -8.26 -0.25
CA ARG A 65 -14.48 -7.81 0.94
C ARG A 65 -13.72 -7.90 2.24
N LEU A 66 -13.98 -6.95 3.12
CA LEU A 66 -13.33 -6.87 4.43
C LEU A 66 -13.62 -8.05 5.36
N ASN A 67 -14.90 -8.25 5.67
CA ASN A 67 -15.31 -9.30 6.60
C ASN A 67 -15.93 -10.56 6.01
N SER A 68 -15.86 -10.72 4.69
CA SER A 68 -16.42 -11.91 4.07
C SER A 68 -15.55 -12.51 2.96
N ASN A 69 -15.86 -13.75 2.64
CA ASN A 69 -15.14 -14.50 1.62
C ASN A 69 -15.49 -14.07 0.20
N THR A 70 -14.56 -14.32 -0.71
CA THR A 70 -14.73 -14.02 -2.13
C THR A 70 -14.33 -15.29 -2.86
N GLN A 71 -15.11 -15.72 -3.84
CA GLN A 71 -14.77 -16.93 -4.59
C GLN A 71 -13.40 -16.79 -5.25
N GLY A 72 -12.54 -17.78 -5.01
CA GLY A 72 -11.21 -17.76 -5.59
C GLY A 72 -10.14 -17.13 -4.72
N GLU A 73 -10.52 -16.62 -3.55
CA GLU A 73 -9.57 -15.99 -2.63
C GLU A 73 -8.59 -16.99 -2.03
N MET A 74 -7.40 -16.50 -1.69
CA MET A 74 -6.38 -17.35 -1.08
C MET A 74 -5.87 -16.78 0.24
N LYS A 75 -5.78 -17.67 1.23
CA LYS A 75 -5.33 -17.32 2.58
C LYS A 75 -3.87 -17.73 2.76
N PHE A 76 -3.06 -16.84 3.32
CA PHE A 76 -1.64 -17.12 3.53
C PHE A 76 -1.11 -16.77 4.92
N GLU A 77 -0.01 -17.43 5.28
CA GLU A 77 0.68 -17.19 6.53
C GLU A 77 1.94 -16.39 6.13
N VAL A 78 2.53 -15.68 7.09
CA VAL A 78 3.73 -14.91 6.79
C VAL A 78 4.94 -15.74 7.17
N GLU A 79 5.63 -16.28 6.17
CA GLU A 79 6.82 -17.10 6.37
C GLU A 79 7.99 -16.28 6.87
N ASN A 80 8.01 -15.01 6.48
CA ASN A 80 9.07 -14.11 6.89
C ASN A 80 8.62 -12.66 6.75
N LEU A 81 8.78 -11.92 7.83
CA LEU A 81 8.42 -10.50 7.88
C LEU A 81 9.69 -9.66 7.90
N ILE A 82 9.92 -8.93 6.81
CA ILE A 82 11.11 -8.08 6.70
C ILE A 82 10.77 -6.60 6.81
N LEU A 83 11.24 -5.98 7.89
CA LEU A 83 11.02 -4.55 8.12
C LEU A 83 12.31 -3.81 7.80
N HIS A 84 12.20 -2.60 7.25
CA HIS A 84 13.37 -1.82 6.91
C HIS A 84 14.08 -1.38 8.18
N LYS A 85 15.37 -1.69 8.25
CA LYS A 85 16.21 -1.38 9.41
C LYS A 85 16.28 0.09 9.78
N ASP A 86 16.24 0.96 8.79
CA ASP A 86 16.32 2.40 9.04
C ASP A 86 15.00 3.14 9.19
N TYR A 87 13.91 2.41 9.43
CA TYR A 87 12.61 3.05 9.59
C TYR A 87 12.55 3.97 10.80
N SER A 88 11.97 5.15 10.61
CA SER A 88 11.81 6.13 11.68
C SER A 88 10.56 6.96 11.43
N ALA A 89 9.98 7.49 12.51
CA ALA A 89 8.78 8.29 12.40
C ALA A 89 8.90 9.61 13.16
N ASP A 90 8.82 10.71 12.42
CA ASP A 90 8.90 12.05 13.00
C ASP A 90 7.48 12.56 13.30
N THR A 91 7.30 13.87 13.28
CA THR A 91 6.00 14.50 13.54
C THR A 91 4.94 13.98 12.57
N LEU A 92 5.23 14.05 11.27
CA LEU A 92 4.31 13.60 10.24
C LEU A 92 4.95 12.57 9.32
N ALA A 93 6.17 12.88 8.87
CA ALA A 93 6.92 12.02 7.96
C ALA A 93 7.30 10.65 8.52
N HIS A 94 7.17 9.63 7.68
CA HIS A 94 7.54 8.26 8.05
C HIS A 94 8.59 7.79 7.06
N HIS A 95 9.82 7.71 7.53
CA HIS A 95 10.98 7.34 6.73
C HIS A 95 11.19 5.86 6.53
N ASN A 96 11.61 5.49 5.31
CA ASN A 96 11.88 4.11 4.96
C ASN A 96 10.69 3.25 5.32
N ASP A 97 9.51 3.72 4.95
CA ASP A 97 8.27 3.02 5.22
C ASP A 97 8.03 1.95 4.17
N ILE A 98 8.75 0.84 4.26
CA ILE A 98 8.60 -0.25 3.30
C ILE A 98 8.83 -1.57 4.03
N ALA A 99 8.18 -2.63 3.56
CA ALA A 99 8.32 -3.94 4.19
C ALA A 99 8.04 -5.09 3.24
N LEU A 100 8.58 -6.25 3.54
CA LEU A 100 8.38 -7.43 2.71
C LEU A 100 7.83 -8.56 3.54
N LEU A 101 6.83 -9.24 2.98
CA LEU A 101 6.19 -10.37 3.63
C LEU A 101 6.26 -11.57 2.73
N LYS A 102 7.05 -12.56 3.12
CA LYS A 102 7.13 -13.77 2.32
C LYS A 102 5.93 -14.53 2.79
N ILE A 103 5.06 -14.89 1.87
CA ILE A 103 3.86 -15.61 2.22
C ILE A 103 3.96 -17.07 1.87
N ARG A 104 3.09 -17.87 2.47
CA ARG A 104 3.02 -19.31 2.22
C ARG A 104 1.71 -19.86 2.76
N SER A 105 1.04 -20.69 1.96
CA SER A 105 -0.20 -21.28 2.38
C SER A 105 0.12 -22.40 3.38
N LYS A 106 -0.90 -23.08 3.89
CA LYS A 106 -0.70 -24.16 4.84
C LYS A 106 -0.01 -25.35 4.17
N GLU A 107 -0.16 -25.43 2.85
CA GLU A 107 0.44 -26.48 2.05
C GLU A 107 1.91 -26.16 1.72
N GLY A 108 2.34 -24.96 2.10
CA GLY A 108 3.71 -24.55 1.85
C GLY A 108 3.92 -23.93 0.48
N ARG A 109 2.84 -23.78 -0.28
CA ARG A 109 2.90 -23.20 -1.62
C ARG A 109 2.74 -21.69 -1.59
N CYS A 110 2.98 -21.06 -2.74
CA CYS A 110 2.85 -19.61 -2.86
C CYS A 110 1.57 -19.25 -3.61
N ALA A 111 1.44 -17.97 -3.98
CA ALA A 111 0.27 -17.49 -4.70
C ALA A 111 0.18 -18.03 -6.12
N GLN A 112 -0.90 -18.76 -6.40
CA GLN A 112 -1.14 -19.32 -7.72
C GLN A 112 -1.92 -18.30 -8.54
N PRO A 113 -1.29 -17.77 -9.61
CA PRO A 113 -1.89 -16.77 -10.50
C PRO A 113 -3.26 -17.15 -11.06
N SER A 114 -4.18 -16.19 -11.03
CA SER A 114 -5.52 -16.38 -11.54
C SER A 114 -6.08 -15.07 -12.08
N ARG A 115 -7.37 -15.05 -12.37
CA ARG A 115 -8.03 -13.86 -12.89
C ARG A 115 -8.18 -12.81 -11.79
N THR A 116 -8.16 -13.28 -10.54
CA THR A 116 -8.30 -12.40 -9.37
C THR A 116 -7.00 -12.23 -8.57
N ILE A 117 -5.95 -12.93 -8.99
CA ILE A 117 -4.66 -12.84 -8.30
C ILE A 117 -3.48 -12.74 -9.25
N GLN A 118 -3.08 -11.52 -9.57
CA GLN A 118 -1.95 -11.25 -10.45
C GLN A 118 -0.90 -10.42 -9.73
N THR A 119 0.35 -10.51 -10.19
CA THR A 119 1.43 -9.72 -9.59
C THR A 119 1.65 -8.45 -10.39
N ILE A 120 1.94 -7.36 -9.69
CA ILE A 120 2.20 -6.09 -10.36
C ILE A 120 3.71 -5.85 -10.49
N SER A 121 4.10 -5.25 -11.62
CA SER A 121 5.50 -4.98 -11.91
C SER A 121 6.14 -3.87 -11.09
N LEU A 122 7.45 -3.98 -10.90
CA LEU A 122 8.23 -2.98 -10.17
C LEU A 122 8.83 -2.02 -11.19
N PRO A 123 9.22 -0.81 -10.74
CA PRO A 123 9.80 0.17 -11.65
C PRO A 123 11.29 -0.04 -11.89
N SER A 124 11.79 0.57 -12.96
CA SER A 124 13.21 0.50 -13.29
C SER A 124 13.92 1.45 -12.35
N MET A 125 15.24 1.29 -12.21
CA MET A 125 16.01 2.17 -11.33
C MET A 125 15.77 3.64 -11.64
N TYR A 126 15.19 4.35 -10.67
CA TYR A 126 14.89 5.78 -10.76
C TYR A 126 13.90 6.20 -11.85
N ASN A 127 13.33 5.23 -12.57
CA ASN A 127 12.38 5.55 -13.64
C ASN A 127 10.96 5.66 -13.08
N ASP A 128 10.53 6.90 -12.86
CA ASP A 128 9.20 7.18 -12.33
C ASP A 128 8.33 7.94 -13.34
N PRO A 129 7.02 7.98 -13.11
CA PRO A 129 6.14 8.69 -14.03
C PRO A 129 6.31 10.20 -13.85
N GLN A 130 6.31 10.93 -14.96
CA GLN A 130 6.48 12.39 -14.92
C GLN A 130 5.38 12.99 -14.04
N PHE A 131 5.73 14.04 -13.31
CA PHE A 131 4.77 14.71 -12.42
C PHE A 131 3.55 15.24 -13.16
N GLY A 132 2.39 15.04 -12.56
CA GLY A 132 1.14 15.46 -13.19
C GLY A 132 0.43 14.28 -13.83
N THR A 133 1.02 13.10 -13.67
CA THR A 133 0.45 11.87 -14.21
C THR A 133 -0.55 11.26 -13.24
N SER A 134 -1.63 10.71 -13.79
CA SER A 134 -2.68 10.09 -12.98
C SER A 134 -2.29 8.68 -12.55
N CYS A 135 -2.52 8.35 -11.29
CA CYS A 135 -2.20 7.04 -10.76
C CYS A 135 -3.35 6.60 -9.83
N GLU A 136 -3.48 5.30 -9.62
CA GLU A 136 -4.53 4.79 -8.75
C GLU A 136 -4.04 4.20 -7.43
N ILE A 137 -4.91 4.26 -6.42
CA ILE A 137 -4.62 3.71 -5.10
C ILE A 137 -5.83 2.89 -4.68
N THR A 138 -5.59 1.79 -3.98
CA THR A 138 -6.67 0.92 -3.58
C THR A 138 -6.59 0.61 -2.10
N GLY A 139 -7.76 0.37 -1.50
CA GLY A 139 -7.79 0.06 -0.09
C GLY A 139 -9.16 -0.09 0.55
N PHE A 140 -9.11 -0.55 1.79
CA PHE A 140 -10.27 -0.78 2.65
C PHE A 140 -10.26 0.28 3.75
N GLY A 141 -9.54 1.37 3.51
CA GLY A 141 -9.44 2.43 4.50
C GLY A 141 -10.72 3.24 4.63
N LYS A 142 -10.76 4.10 5.65
CA LYS A 142 -11.90 4.95 5.93
C LYS A 142 -12.34 5.81 4.73
N GLU A 143 -13.65 6.05 4.66
CA GLU A 143 -14.25 6.85 3.59
C GLU A 143 -14.39 8.31 4.02
N ASN A 144 -14.28 8.54 5.31
CA ASN A 144 -14.36 9.87 5.92
C ASN A 144 -13.53 9.79 7.18
N SER A 145 -12.92 10.90 7.58
CA SER A 145 -12.11 10.89 8.80
C SER A 145 -12.97 10.67 10.04
N THR A 146 -14.25 11.04 9.97
CA THR A 146 -15.15 10.90 11.10
C THR A 146 -15.56 9.45 11.35
N ASP A 147 -15.36 8.60 10.35
CA ASP A 147 -15.70 7.20 10.46
C ASP A 147 -14.74 6.45 11.38
N TYR A 148 -15.26 5.43 12.06
CA TYR A 148 -14.43 4.61 12.94
C TYR A 148 -14.41 3.16 12.43
N LEU A 149 -15.07 2.94 11.29
CA LEU A 149 -15.15 1.63 10.66
C LEU A 149 -14.69 1.69 9.20
N TYR A 150 -14.14 0.57 8.72
CA TYR A 150 -13.69 0.48 7.34
C TYR A 150 -14.82 -0.03 6.46
N PRO A 151 -14.83 0.37 5.19
CA PRO A 151 -15.88 -0.08 4.25
C PRO A 151 -15.67 -1.55 3.92
N GLU A 152 -16.76 -2.31 3.87
CA GLU A 152 -16.67 -3.75 3.56
C GLU A 152 -16.21 -4.00 2.12
N GLN A 153 -16.65 -3.16 1.20
CA GLN A 153 -16.27 -3.32 -0.20
C GLN A 153 -15.00 -2.53 -0.53
N LEU A 154 -14.11 -3.16 -1.29
CA LEU A 154 -12.84 -2.56 -1.70
C LEU A 154 -13.09 -1.30 -2.51
N LYS A 155 -12.37 -0.24 -2.17
CA LYS A 155 -12.49 1.05 -2.85
C LYS A 155 -11.20 1.41 -3.61
N MET A 156 -11.33 2.37 -4.53
CA MET A 156 -10.21 2.84 -5.33
C MET A 156 -10.47 4.26 -5.82
N THR A 157 -9.40 4.95 -6.22
CA THR A 157 -9.50 6.31 -6.75
C THR A 157 -8.28 6.69 -7.57
N VAL A 158 -8.38 7.81 -8.27
CA VAL A 158 -7.29 8.31 -9.10
C VAL A 158 -6.80 9.63 -8.49
N VAL A 159 -5.49 9.75 -8.43
CA VAL A 159 -4.85 10.96 -7.91
C VAL A 159 -3.75 11.36 -8.88
N LYS A 160 -3.31 12.61 -8.78
CA LYS A 160 -2.25 13.14 -9.64
C LYS A 160 -0.94 13.30 -8.88
N LEU A 161 0.15 12.83 -9.51
CA LEU A 161 1.48 12.91 -8.93
C LEU A 161 1.94 14.37 -8.81
N ILE A 162 2.46 14.71 -7.65
CA ILE A 162 2.92 16.07 -7.37
C ILE A 162 4.42 16.11 -7.18
N SER A 163 5.06 17.08 -7.84
CA SER A 163 6.51 17.25 -7.78
C SER A 163 7.04 17.47 -6.38
N HIS A 164 8.31 17.15 -6.19
CA HIS A 164 8.97 17.32 -4.91
C HIS A 164 9.01 18.82 -4.58
N ARG A 165 9.06 19.68 -5.61
CA ARG A 165 9.08 21.13 -5.42
C ARG A 165 7.75 21.64 -4.82
N GLU A 166 6.63 21.18 -5.37
CA GLU A 166 5.32 21.61 -4.87
C GLU A 166 5.02 21.07 -3.47
N CYS A 167 5.38 19.82 -3.23
CA CYS A 167 5.13 19.18 -1.95
C CYS A 167 6.06 19.69 -0.85
N GLN A 168 7.24 20.16 -1.24
CA GLN A 168 8.23 20.70 -0.32
C GLN A 168 7.90 22.13 0.12
N GLN A 169 6.82 22.70 -0.41
CA GLN A 169 6.39 24.05 -0.09
C GLN A 169 6.04 24.17 1.39
N PRO A 170 6.08 25.40 1.94
CA PRO A 170 5.78 25.68 3.35
C PRO A 170 4.38 25.21 3.79
N HIS A 171 3.35 25.60 3.04
CA HIS A 171 1.97 25.24 3.36
C HIS A 171 1.66 23.78 3.03
N TYR A 172 2.58 23.12 2.32
CA TYR A 172 2.42 21.72 1.98
C TYR A 172 3.04 20.84 3.07
N TYR A 173 4.26 20.37 2.88
CA TYR A 173 4.91 19.54 3.89
C TYR A 173 6.31 20.02 4.27
N GLY A 174 6.72 21.14 3.68
CA GLY A 174 8.04 21.68 3.95
C GLY A 174 9.10 20.66 3.66
N SER A 175 10.20 20.72 4.41
CA SER A 175 11.30 19.78 4.25
C SER A 175 11.00 18.38 4.77
N GLU A 176 9.83 18.18 5.37
CA GLU A 176 9.46 16.87 5.91
C GLU A 176 9.42 15.78 4.84
N VAL A 177 9.05 16.15 3.62
CA VAL A 177 9.00 15.18 2.53
C VAL A 177 10.37 15.14 1.85
N THR A 178 10.91 13.93 1.71
CA THR A 178 12.23 13.74 1.12
C THR A 178 12.15 13.22 -0.32
N THR A 179 13.32 13.07 -0.95
CA THR A 179 13.38 12.58 -2.32
C THR A 179 12.97 11.11 -2.40
N LYS A 180 13.01 10.40 -1.27
CA LYS A 180 12.61 9.00 -1.22
C LYS A 180 11.09 8.88 -1.03
N MET A 181 10.37 9.97 -1.30
CA MET A 181 8.91 9.99 -1.14
C MET A 181 8.23 10.68 -2.32
N LEU A 182 6.99 10.27 -2.60
CA LEU A 182 6.21 10.88 -3.67
C LEU A 182 4.92 11.42 -3.08
N CYS A 183 4.48 12.55 -3.61
CA CYS A 183 3.22 13.16 -3.24
C CYS A 183 2.22 13.00 -4.38
N ALA A 184 1.01 12.64 -4.00
CA ALA A 184 -0.07 12.45 -4.96
C ALA A 184 -1.36 12.93 -4.29
N ALA A 185 -2.16 13.66 -5.04
CA ALA A 185 -3.41 14.18 -4.50
C ALA A 185 -4.38 14.57 -5.60
N ASP A 186 -5.64 14.74 -5.21
CA ASP A 186 -6.67 15.17 -6.13
C ASP A 186 -6.49 16.67 -6.26
N PRO A 187 -6.44 17.18 -7.51
CA PRO A 187 -6.26 18.62 -7.71
C PRO A 187 -7.34 19.45 -7.02
N GLN A 188 -8.49 18.84 -6.75
CA GLN A 188 -9.61 19.51 -6.08
C GLN A 188 -9.70 19.14 -4.60
N TRP A 189 -8.81 18.27 -4.15
CA TRP A 189 -8.75 17.82 -2.76
C TRP A 189 -10.04 17.12 -2.29
N LYS A 190 -10.72 16.47 -3.23
CA LYS A 190 -11.96 15.75 -2.94
C LYS A 190 -11.74 14.28 -2.63
N THR A 191 -10.74 13.68 -3.27
CA THR A 191 -10.42 12.27 -3.07
C THR A 191 -9.00 12.08 -2.55
N ASP A 192 -8.80 11.03 -1.75
CA ASP A 192 -7.49 10.73 -1.16
C ASP A 192 -7.56 9.42 -0.41
N SER A 193 -6.38 8.88 -0.12
CA SER A 193 -6.27 7.67 0.66
C SER A 193 -6.39 8.19 2.10
N CYS A 194 -6.66 7.31 3.04
CA CYS A 194 -6.85 7.72 4.42
C CYS A 194 -6.36 6.61 5.35
N GLN A 195 -6.64 6.73 6.64
CA GLN A 195 -6.25 5.69 7.59
C GLN A 195 -6.82 4.33 7.18
N GLY A 196 -5.93 3.36 7.04
CA GLY A 196 -6.34 2.03 6.64
C GLY A 196 -5.80 1.65 5.27
N ASP A 197 -5.59 2.63 4.40
CA ASP A 197 -5.07 2.32 3.09
C ASP A 197 -3.56 2.11 3.12
N SER A 198 -2.93 2.41 4.25
CA SER A 198 -1.49 2.28 4.40
C SER A 198 -1.00 0.93 3.93
N GLY A 199 0.20 0.94 3.35
CA GLY A 199 0.80 -0.27 2.86
C GLY A 199 0.25 -0.68 1.51
N GLY A 200 -0.77 0.02 1.05
CA GLY A 200 -1.39 -0.28 -0.24
C GLY A 200 -0.66 0.32 -1.42
N PRO A 201 -1.01 -0.08 -2.65
CA PRO A 201 -0.38 0.40 -3.88
C PRO A 201 -0.83 1.72 -4.49
N LEU A 202 0.14 2.38 -5.11
CA LEU A 202 -0.09 3.63 -5.85
C LEU A 202 0.42 3.15 -7.19
N VAL A 203 -0.50 2.71 -8.03
CA VAL A 203 -0.17 2.19 -9.33
C VAL A 203 -0.26 3.22 -10.43
N CYS A 204 0.77 3.22 -11.28
CA CYS A 204 0.83 4.16 -12.40
C CYS A 204 1.08 3.39 -13.67
N SER A 205 0.41 3.82 -14.74
CA SER A 205 0.65 3.27 -16.07
C SER A 205 1.92 3.88 -16.65
N LEU A 206 3.03 3.18 -16.49
CA LEU A 206 4.33 3.64 -16.97
C LEU A 206 4.71 2.93 -18.27
N GLN A 207 4.69 3.70 -19.36
CA GLN A 207 5.04 3.19 -20.69
C GLN A 207 4.20 1.98 -21.11
N GLY A 208 2.89 2.10 -20.88
CA GLY A 208 1.96 1.03 -21.25
C GLY A 208 2.06 -0.21 -20.39
N ARG A 209 2.51 -0.05 -19.15
CA ARG A 209 2.67 -1.17 -18.23
C ARG A 209 2.31 -0.71 -16.82
N MET A 210 1.44 -1.48 -16.15
CA MET A 210 1.03 -1.15 -14.79
C MET A 210 2.22 -1.35 -13.85
N THR A 211 2.58 -0.29 -13.13
CA THR A 211 3.72 -0.34 -12.22
C THR A 211 3.39 0.07 -10.78
N LEU A 212 4.09 -0.55 -9.83
CA LEU A 212 3.93 -0.26 -8.42
C LEU A 212 4.87 0.91 -8.10
N THR A 213 4.40 2.12 -8.35
CA THR A 213 5.18 3.32 -8.14
C THR A 213 5.39 3.69 -6.68
N GLY A 214 4.38 3.44 -5.85
CA GLY A 214 4.51 3.79 -4.45
C GLY A 214 3.65 2.97 -3.49
N ILE A 215 3.92 3.20 -2.20
CA ILE A 215 3.20 2.52 -1.13
C ILE A 215 2.61 3.59 -0.21
N VAL A 216 1.31 3.51 0.03
CA VAL A 216 0.61 4.45 0.88
C VAL A 216 1.29 4.47 2.23
N SER A 217 1.93 5.59 2.56
CA SER A 217 2.67 5.74 3.81
C SER A 217 2.05 6.68 4.85
N TRP A 218 2.01 7.97 4.54
CA TRP A 218 1.46 8.95 5.48
C TRP A 218 0.79 10.17 4.85
N GLY A 219 0.24 11.03 5.70
CA GLY A 219 -0.43 12.23 5.24
C GLY A 219 -1.16 12.94 6.36
N ARG A 220 -1.21 14.27 6.29
CA ARG A 220 -1.89 15.07 7.30
C ARG A 220 -3.40 14.98 7.04
N GLY A 221 -4.11 14.34 7.96
CA GLY A 221 -5.54 14.17 7.82
C GLY A 221 -5.86 13.34 6.60
N CYS A 222 -7.02 13.58 6.00
CA CYS A 222 -7.43 12.85 4.81
C CYS A 222 -8.18 13.78 3.86
N ALA A 223 -7.59 14.01 2.70
CA ALA A 223 -8.17 14.88 1.67
C ALA A 223 -8.26 16.35 2.09
N LEU A 224 -7.33 16.79 2.93
CA LEU A 224 -7.27 18.18 3.37
C LEU A 224 -6.58 18.98 2.27
N LYS A 225 -7.03 20.21 2.06
CA LYS A 225 -6.44 21.06 1.05
C LYS A 225 -4.95 21.27 1.33
N ASP A 226 -4.13 21.06 0.29
CA ASP A 226 -2.68 21.22 0.37
C ASP A 226 -1.94 20.21 1.24
N LYS A 227 -2.61 19.10 1.55
CA LYS A 227 -2.01 18.04 2.37
C LYS A 227 -2.05 16.71 1.60
N PRO A 228 -1.27 16.61 0.52
CA PRO A 228 -1.20 15.41 -0.32
C PRO A 228 -0.85 14.14 0.45
N GLY A 229 -1.18 13.00 -0.15
CA GLY A 229 -0.84 11.73 0.45
C GLY A 229 0.62 11.46 0.10
N VAL A 230 1.40 11.04 1.08
CA VAL A 230 2.81 10.77 0.82
C VAL A 230 3.02 9.28 0.64
N TYR A 231 3.77 8.93 -0.38
CA TYR A 231 4.04 7.53 -0.70
C TYR A 231 5.53 7.19 -0.71
N THR A 232 5.84 5.94 -0.35
CA THR A 232 7.22 5.49 -0.35
C THR A 232 7.60 5.28 -1.83
N ARG A 233 8.66 5.96 -2.26
CA ARG A 233 9.11 5.87 -3.66
C ARG A 233 9.77 4.53 -3.93
N VAL A 234 8.95 3.58 -4.36
CA VAL A 234 9.40 2.22 -4.66
C VAL A 234 10.64 2.16 -5.57
N SER A 235 10.80 3.15 -6.45
CA SER A 235 11.94 3.19 -7.37
C SER A 235 13.30 3.46 -6.73
N HIS A 236 13.29 3.90 -5.47
CA HIS A 236 14.55 4.17 -4.78
C HIS A 236 14.86 3.06 -3.79
N PHE A 237 14.02 2.03 -3.75
CA PHE A 237 14.24 0.92 -2.83
C PHE A 237 14.51 -0.41 -3.53
N LEU A 238 14.73 -0.36 -4.84
CA LEU A 238 14.99 -1.56 -5.62
C LEU A 238 16.13 -2.43 -5.07
N PRO A 239 17.28 -1.81 -4.72
CA PRO A 239 18.41 -2.59 -4.19
C PRO A 239 18.00 -3.32 -2.94
N TRP A 240 17.39 -2.58 -2.02
CA TRP A 240 16.91 -3.14 -0.77
C TRP A 240 15.91 -4.27 -1.07
N ILE A 241 15.02 -4.02 -2.02
CA ILE A 241 14.01 -4.99 -2.42
C ILE A 241 14.64 -6.24 -2.97
N ARG A 242 15.65 -6.08 -3.81
CA ARG A 242 16.33 -7.23 -4.42
C ARG A 242 17.18 -8.04 -3.45
N SER A 243 17.95 -7.37 -2.60
CA SER A 243 18.80 -8.07 -1.64
C SER A 243 18.01 -8.90 -0.63
N HIS A 244 16.83 -8.41 -0.26
CA HIS A 244 15.98 -9.12 0.71
C HIS A 244 15.05 -10.17 0.11
N THR A 245 14.93 -10.20 -1.22
CA THR A 245 14.08 -11.21 -1.85
C THR A 245 14.87 -12.40 -2.37
N LYS A 246 16.18 -12.21 -2.57
CA LYS A 246 17.04 -13.27 -3.07
C LYS A 246 17.07 -14.49 -2.15
N GLU A 247 17.67 -14.34 -0.97
CA GLU A 247 17.73 -15.44 0.01
C GLU A 247 18.48 -15.00 1.26
S SO4 B . 14.79 9.78 4.21
O1 SO4 B . 15.22 10.18 2.86
O2 SO4 B . 14.97 10.90 5.13
O3 SO4 B . 13.37 9.39 4.20
O4 SO4 B . 15.63 8.64 4.67
S SO4 C . -2.97 3.31 9.00
O1 SO4 C . -3.24 3.62 7.59
O2 SO4 C . -1.53 3.03 9.21
O3 SO4 C . -3.36 4.46 9.84
O4 SO4 C . -3.76 2.13 9.41
N UKP D . -2.87 10.32 9.07
CA UKP D . -2.91 8.88 9.20
CX UKP D . -3.45 10.49 3.24
O UKP D . -0.79 8.86 8.22
CB UKP D . -3.89 8.30 8.16
CG1 UKP D . -3.32 8.43 6.42
CD1 UKP D . -3.65 9.46 5.52
CE1 UKP D . -3.14 9.47 4.17
CZ UKP D . -2.28 8.38 3.82
CE2 UKP D . -1.97 7.35 4.73
CD2 UKP D . -2.49 7.39 6.01
NX1 UKP D . -3.51 10.28 2.02
NX2 UKP D . -3.73 11.74 3.52
C UKP D . -1.51 8.27 9.04
C6 UKP D . -2.61 10.61 11.68
C7 UKP D . -1.20 10.74 11.74
C8 UKP D . -0.50 10.21 12.85
C9 UKP D . -1.17 9.55 13.90
C10 UKP D . -2.56 9.43 13.83
C11 UKP D . -3.31 9.95 12.74
C12 UKP D . -0.36 11.44 10.65
C13 UKP D . 0.94 10.71 10.18
C14 UKP D . 0.02 12.86 11.15
C15 UKP D . -4.86 9.74 12.78
C16 UKP D . -5.36 8.69 13.82
C17 UKP D . -5.54 11.11 13.05
C18 UKP D . -0.39 8.97 15.09
C19 UKP D . 0.76 9.95 15.51
C20 UKP D . 0.20 7.57 14.74
S UKP D . -3.47 11.30 10.23
OS1 UKP D . -3.01 12.67 9.95
OS2 UKP D . -4.91 11.12 10.25
N1 UKP D . -1.05 7.17 9.74
C1 UKP D . 0.31 6.68 9.49
C2 UKP D . 0.99 6.64 10.88
N2 UKP D . 0.35 5.57 11.65
C4 UKP D . -1.15 5.93 11.77
C5 UKP D . -1.86 6.10 10.57
C21 UKP D . 1.06 4.79 12.53
O1 UKP D . 0.53 4.13 13.41
C22 UKP D . 2.58 4.70 12.48
C23 UKP D . 3.15 3.79 13.62
N24 UKP D . 4.61 4.02 13.82
#